data_6B56
#
_entry.id   6B56
#
_cell.length_a   99.990
_cell.length_b   99.990
_cell.length_c   99.990
_cell.angle_alpha   90.00
_cell.angle_beta   90.00
_cell.angle_gamma   90.00
#
_symmetry.space_group_name_H-M   'P 21 3'
#
loop_
_entity.id
_entity.type
_entity.pdbx_description
1 polymer 'Purine nucleoside phosphorylase'
2 non-polymer 'DIMETHYL SULFOXIDE'
3 non-polymer '5-butylpyridine-2-carboxylic acid'
4 water water
#
_entity_poly.entity_id   1
_entity_poly.type   'polypeptide(L)'
_entity_poly.pdbx_seq_one_letter_code
;MTTPVVANYENASMAADYIKRVSNVLPDIGII(CME)GSGLGKLIEEIEERKVIPYINIPNFPKTTVAGHVGNLVLGSVG
GRKIVAMQGRLHMYEGYSNQEIALPIRVMKLLGVRVLLITNLAGGINRKLKSGDFVLIKGHINFPGLGLNNVLVGPNQDE
FGPRFPDLSNAYDRLLQQLALKIAQENDFQDLVHEGVYAFNGGPTYESPDESNMLLKLGCDVVGMSTVPEVIIACHCGIK
VLAVSLIANNSILDAENDVSINHEKVLAVAEKRADLLQMWFKEIITRLPLD
;
_entity_poly.pdbx_strand_id   A
#
loop_
_chem_comp.id
_chem_comp.type
_chem_comp.name
_chem_comp.formula
CQV non-polymer '5-butylpyridine-2-carboxylic acid' 'C10 H13 N O2'
DMS non-polymer 'DIMETHYL SULFOXIDE' 'C2 H6 O S'
#
# COMPACT_ATOMS: atom_id res chain seq x y z
N VAL A 5 3.89 -17.70 -14.27
CA VAL A 5 5.10 -17.34 -13.51
C VAL A 5 4.87 -17.31 -12.00
N VAL A 6 5.58 -18.16 -11.28
CA VAL A 6 5.47 -18.27 -9.83
C VAL A 6 6.42 -17.29 -9.15
N ALA A 7 6.00 -16.73 -8.01
CA ALA A 7 6.82 -15.81 -7.22
C ALA A 7 7.80 -16.59 -6.33
N ASN A 8 8.66 -17.38 -6.98
CA ASN A 8 9.65 -18.21 -6.32
C ASN A 8 11.03 -17.55 -6.30
N TYR A 9 11.96 -18.24 -5.62
CA TYR A 9 13.27 -17.67 -5.36
C TYR A 9 14.08 -17.48 -6.64
N GLU A 10 14.01 -18.45 -7.57
CA GLU A 10 14.75 -18.34 -8.82
C GLU A 10 14.23 -17.18 -9.67
N ASN A 11 12.90 -17.05 -9.78
CA ASN A 11 12.34 -16.01 -10.64
C ASN A 11 12.59 -14.63 -10.06
N ALA A 12 12.43 -14.49 -8.75
CA ALA A 12 12.77 -13.22 -8.09
C ALA A 12 14.26 -12.89 -8.22
N SER A 13 15.13 -13.90 -8.12
CA SER A 13 16.56 -13.64 -8.23
C SER A 13 16.94 -13.11 -9.61
N MET A 14 16.31 -13.66 -10.67
CA MET A 14 16.63 -13.20 -12.03
C MET A 14 16.24 -11.75 -12.22
N ALA A 15 15.07 -11.36 -11.69
CA ALA A 15 14.63 -9.97 -11.76
C ALA A 15 15.58 -9.06 -10.99
N ALA A 16 15.96 -9.46 -9.77
CA ALA A 16 16.86 -8.64 -8.95
C ALA A 16 18.21 -8.43 -9.63
N ASP A 17 18.75 -9.48 -10.26
CA ASP A 17 20.05 -9.35 -10.93
C ASP A 17 19.98 -8.32 -12.06
N TYR A 18 18.88 -8.34 -12.83
CA TYR A 18 18.69 -7.37 -13.89
C TYR A 18 18.67 -5.95 -13.33
N ILE A 19 17.86 -5.73 -12.27
CA ILE A 19 17.73 -4.38 -11.72
C ILE A 19 19.08 -3.86 -11.26
N LYS A 20 19.87 -4.71 -10.60
CA LYS A 20 21.19 -4.30 -10.12
C LYS A 20 22.09 -3.85 -11.25
N ARG A 21 22.10 -4.61 -12.35
CA ARG A 21 22.97 -4.28 -13.48
C ARG A 21 22.60 -2.95 -14.12
N VAL A 22 21.39 -2.48 -13.92
CA VAL A 22 20.89 -1.28 -14.58
C VAL A 22 20.95 -0.03 -13.69
N SER A 23 20.92 -0.19 -12.36
CA SER A 23 20.62 0.95 -11.49
C SER A 23 21.77 1.40 -10.60
N ASN A 24 22.58 0.48 -10.09
CA ASN A 24 23.64 0.83 -9.13
C ASN A 24 23.09 1.50 -7.87
N VAL A 25 21.79 1.41 -7.61
CA VAL A 25 21.20 1.83 -6.34
C VAL A 25 20.79 0.58 -5.58
N LEU A 26 21.20 0.49 -4.33
CA LEU A 26 20.73 -0.57 -3.45
C LEU A 26 19.79 0.08 -2.46
N PRO A 27 18.48 -0.06 -2.62
CA PRO A 27 17.53 0.65 -1.76
C PRO A 27 17.30 -0.11 -0.46
N ASP A 28 17.09 0.63 0.63
CA ASP A 28 16.58 -0.02 1.84
C ASP A 28 15.16 0.39 2.21
N ILE A 29 14.50 1.26 1.44
CA ILE A 29 13.12 1.68 1.65
C ILE A 29 12.34 1.50 0.35
N GLY A 30 11.14 0.92 0.44
CA GLY A 30 10.21 0.84 -0.68
C GLY A 30 8.95 1.66 -0.44
N ILE A 31 8.35 2.19 -1.51
CA ILE A 31 7.12 2.98 -1.39
C ILE A 31 6.11 2.54 -2.45
N ILE A 32 4.84 2.49 -2.04
CA ILE A 32 3.68 2.24 -2.93
C ILE A 32 2.66 3.35 -2.66
N CME A 33 2.32 4.15 -3.67
CA CME A 33 1.49 5.32 -3.47
CB CME A 33 2.12 6.61 -4.02
SG CME A 33 3.78 6.84 -3.43
SD CME A 33 3.58 7.13 -1.36
CE CME A 33 3.71 8.87 -1.18
CZ CME A 33 2.56 9.50 -0.45
OH CME A 33 1.36 9.12 -1.12
C CME A 33 0.13 5.12 -4.13
O CME A 33 -0.01 4.62 -5.25
HA CME A 33 1.34 5.44 -2.34
HB2 CME A 33 1.48 7.49 -3.75
HB3 CME A 33 2.23 6.56 -5.13
HE2 CME A 33 3.74 9.23 -2.24
HE3 CME A 33 4.67 9.17 -0.69
HZ2 CME A 33 2.66 10.61 -0.44
HZ3 CME A 33 2.52 9.13 0.62
HH CME A 33 1.39 9.54 -1.99
N GLY A 34 -0.91 5.57 -3.42
CA GLY A 34 -2.28 5.49 -3.92
C GLY A 34 -2.59 6.39 -5.10
N SER A 35 -3.72 6.15 -5.77
CA SER A 35 -4.02 6.89 -6.99
C SER A 35 -4.20 8.37 -6.70
N GLY A 36 -3.56 9.21 -7.52
CA GLY A 36 -3.56 10.64 -7.28
C GLY A 36 -2.60 11.09 -6.22
N LEU A 37 -1.89 10.16 -5.57
CA LEU A 37 -1.02 10.44 -4.43
C LEU A 37 0.44 10.13 -4.74
N GLY A 38 0.84 10.22 -6.01
CA GLY A 38 2.18 9.83 -6.40
C GLY A 38 3.14 10.94 -6.76
N LYS A 39 2.84 12.20 -6.47
CA LYS A 39 3.74 13.28 -6.89
C LYS A 39 5.14 13.12 -6.29
N LEU A 40 5.26 12.46 -5.12
CA LEU A 40 6.57 12.25 -4.51
C LEU A 40 7.52 11.51 -5.45
N ILE A 41 6.99 10.53 -6.20
CA ILE A 41 7.80 9.76 -7.14
C ILE A 41 8.43 10.66 -8.20
N GLU A 42 7.78 11.78 -8.52
CA GLU A 42 8.30 12.69 -9.52
C GLU A 42 9.48 13.51 -9.01
N GLU A 43 9.70 13.56 -7.69
CA GLU A 43 10.79 14.33 -7.12
C GLU A 43 11.95 13.47 -6.63
N ILE A 44 12.00 12.20 -7.04
CA ILE A 44 13.13 11.35 -6.66
C ILE A 44 14.38 11.85 -7.36
N GLU A 45 15.49 11.95 -6.60
CA GLU A 45 16.71 12.54 -7.12
C GLU A 45 17.60 11.47 -7.73
N GLU A 46 18.27 11.85 -8.83
CA GLU A 46 19.17 10.94 -9.52
C GLU A 46 18.44 9.67 -9.94
N ARG A 47 17.24 9.83 -10.46
CA ARG A 47 16.34 8.69 -10.58
C ARG A 47 16.65 7.85 -11.81
N LYS A 48 16.33 6.56 -11.70
CA LYS A 48 16.39 5.63 -12.82
C LYS A 48 15.03 4.96 -12.91
N VAL A 49 14.43 4.99 -14.09
CA VAL A 49 13.12 4.39 -14.34
C VAL A 49 13.32 3.07 -15.08
N ILE A 50 12.77 2.00 -14.54
CA ILE A 50 12.88 0.66 -15.11
C ILE A 50 11.47 0.12 -15.36
N PRO A 51 11.01 0.11 -16.61
CA PRO A 51 9.66 -0.41 -16.89
C PRO A 51 9.55 -1.91 -16.62
N TYR A 52 8.36 -2.32 -16.12
CA TYR A 52 8.16 -3.74 -15.84
C TYR A 52 8.42 -4.61 -17.06
N ILE A 53 8.14 -4.11 -18.26
CA ILE A 53 8.29 -4.93 -19.47
C ILE A 53 9.73 -5.38 -19.69
N ASN A 54 10.71 -4.64 -19.17
CA ASN A 54 12.12 -4.99 -19.29
C ASN A 54 12.65 -5.91 -18.20
N ILE A 55 11.89 -6.14 -17.12
CA ILE A 55 12.39 -6.87 -15.95
C ILE A 55 12.01 -8.33 -16.12
N PRO A 56 12.97 -9.26 -16.14
CA PRO A 56 12.64 -10.67 -16.26
C PRO A 56 11.54 -11.09 -15.29
N ASN A 57 10.50 -11.74 -15.82
CA ASN A 57 9.45 -12.39 -15.04
C ASN A 57 8.39 -11.46 -14.47
N PHE A 58 8.47 -10.16 -14.67
CA PHE A 58 7.45 -9.27 -14.10
C PHE A 58 6.13 -9.39 -14.87
N PRO A 59 5.00 -9.18 -14.19
CA PRO A 59 3.69 -9.38 -14.83
C PRO A 59 3.43 -8.35 -15.92
N LYS A 60 2.65 -8.79 -16.90
CA LYS A 60 2.15 -7.91 -17.95
C LYS A 60 1.11 -6.97 -17.35
N THR A 61 1.18 -5.68 -17.71
CA THR A 61 0.32 -4.65 -17.11
C THR A 61 -0.30 -3.74 -18.16
N THR A 62 -0.72 -4.29 -19.30
CA THR A 62 -1.34 -3.51 -20.39
C THR A 62 -2.79 -3.86 -20.71
N VAL A 63 -3.39 -4.85 -20.06
CA VAL A 63 -4.84 -5.03 -20.22
C VAL A 63 -5.57 -3.90 -19.52
N ALA A 64 -5.27 -3.72 -18.23
CA ALA A 64 -5.71 -2.54 -17.50
C ALA A 64 -5.09 -1.29 -18.09
N GLY A 65 -3.91 -1.40 -18.68
CA GLY A 65 -3.27 -0.28 -19.30
C GLY A 65 -2.64 0.66 -18.29
N HIS A 66 -2.42 1.91 -18.72
CA HIS A 66 -1.80 2.91 -17.85
C HIS A 66 -0.39 2.51 -17.41
N VAL A 67 0.19 3.25 -16.46
CA VAL A 67 1.62 3.18 -16.18
C VAL A 67 1.98 1.90 -15.41
N GLY A 68 3.29 1.57 -15.42
CA GLY A 68 3.85 0.41 -14.76
C GLY A 68 5.38 0.36 -14.71
N ASN A 69 6.01 1.04 -13.74
CA ASN A 69 7.46 1.17 -13.65
C ASN A 69 7.96 1.02 -12.20
N LEU A 70 9.23 0.66 -12.09
CA LEU A 70 10.02 0.79 -10.86
C LEU A 70 10.93 2.02 -10.97
N VAL A 71 10.97 2.85 -9.93
CA VAL A 71 11.80 4.07 -9.91
C VAL A 71 12.75 3.99 -8.71
N LEU A 72 14.06 4.05 -8.98
CA LEU A 72 15.08 4.00 -7.94
C LEU A 72 15.83 5.32 -7.87
N GLY A 73 16.13 5.75 -6.65
CA GLY A 73 16.85 7.00 -6.47
C GLY A 73 16.94 7.36 -4.99
N SER A 74 17.18 8.66 -4.74
CA SER A 74 17.37 9.18 -3.39
C SER A 74 16.26 10.17 -3.01
N VAL A 75 15.81 10.06 -1.76
CA VAL A 75 14.89 11.03 -1.17
C VAL A 75 15.40 11.35 0.23
N GLY A 76 15.58 12.63 0.51
CA GLY A 76 16.05 13.02 1.84
C GLY A 76 17.33 12.32 2.24
N GLY A 77 18.20 12.06 1.26
CA GLY A 77 19.44 11.34 1.51
C GLY A 77 19.32 9.85 1.72
N ARG A 78 18.16 9.24 1.48
CA ARG A 78 17.95 7.81 1.68
C ARG A 78 17.73 7.15 0.33
N LYS A 79 18.13 5.89 0.22
CA LYS A 79 18.03 5.16 -1.04
C LYS A 79 16.70 4.39 -1.07
N ILE A 80 15.87 4.67 -2.09
CA ILE A 80 14.52 4.14 -2.14
C ILE A 80 14.22 3.48 -3.49
N VAL A 81 13.15 2.67 -3.49
CA VAL A 81 12.57 2.11 -4.71
C VAL A 81 11.06 2.28 -4.62
N ALA A 82 10.45 2.86 -5.66
CA ALA A 82 9.02 3.11 -5.72
C ALA A 82 8.37 2.26 -6.80
N MET A 83 7.20 1.72 -6.49
CA MET A 83 6.33 1.06 -7.45
C MET A 83 5.38 2.09 -8.03
N GLN A 84 5.50 2.35 -9.33
CA GLN A 84 4.59 3.23 -10.04
C GLN A 84 3.68 2.32 -10.86
N GLY A 85 2.44 2.70 -10.97
CA GLY A 85 1.43 1.88 -11.60
C GLY A 85 0.46 1.33 -10.56
N ARG A 86 -0.37 0.40 -11.00
CA ARG A 86 -1.39 -0.18 -10.13
C ARG A 86 -1.45 -1.68 -10.41
N LEU A 87 -1.29 -2.50 -9.36
CA LEU A 87 -1.50 -3.94 -9.43
C LEU A 87 -2.45 -4.33 -8.29
N HIS A 88 -3.76 -4.35 -8.57
CA HIS A 88 -4.79 -4.67 -7.60
C HIS A 88 -5.54 -5.96 -7.95
N MET A 89 -5.99 -6.67 -6.91
N MET A 89 -6.01 -6.65 -6.91
CA MET A 89 -6.54 -8.00 -7.14
CA MET A 89 -6.56 -7.98 -7.11
C MET A 89 -7.91 -7.96 -7.81
C MET A 89 -7.91 -7.95 -7.81
N TYR A 90 -8.69 -6.87 -7.64
CA TYR A 90 -9.96 -6.76 -8.35
C TYR A 90 -9.78 -6.72 -9.87
N GLU A 91 -8.56 -6.47 -10.37
CA GLU A 91 -8.31 -6.45 -11.81
C GLU A 91 -8.13 -7.86 -12.39
N GLY A 92 -8.01 -8.89 -11.54
CA GLY A 92 -7.83 -10.27 -11.99
C GLY A 92 -6.40 -10.79 -11.94
N TYR A 93 -5.44 -10.01 -11.44
CA TYR A 93 -4.07 -10.50 -11.26
C TYR A 93 -4.05 -11.63 -10.23
N SER A 94 -3.13 -12.58 -10.41
CA SER A 94 -3.03 -13.70 -9.49
C SER A 94 -2.19 -13.35 -8.26
N ASN A 95 -2.32 -14.20 -7.23
CA ASN A 95 -1.46 -14.13 -6.04
C ASN A 95 0.01 -13.99 -6.41
N GLN A 96 0.46 -14.79 -7.39
CA GLN A 96 1.88 -14.81 -7.76
C GLN A 96 2.31 -13.48 -8.38
N GLU A 97 1.40 -12.82 -9.13
CA GLU A 97 1.75 -11.57 -9.80
C GLU A 97 1.85 -10.41 -8.80
N ILE A 98 0.96 -10.37 -7.80
CA ILE A 98 1.04 -9.33 -6.77
C ILE A 98 2.29 -9.51 -5.94
N ALA A 99 2.67 -10.76 -5.65
CA ALA A 99 3.75 -11.01 -4.70
C ALA A 99 5.13 -10.80 -5.27
N LEU A 100 5.32 -11.05 -6.57
CA LEU A 100 6.67 -11.03 -7.12
C LEU A 100 7.40 -9.70 -6.92
N PRO A 101 6.79 -8.54 -7.20
CA PRO A 101 7.53 -7.28 -6.99
C PRO A 101 7.96 -7.04 -5.55
N ILE A 102 7.16 -7.44 -4.55
CA ILE A 102 7.53 -7.26 -3.14
C ILE A 102 8.72 -8.16 -2.78
N ARG A 103 8.70 -9.41 -3.25
CA ARG A 103 9.82 -10.33 -3.02
C ARG A 103 11.11 -9.87 -3.71
N VAL A 104 11.00 -9.20 -4.87
CA VAL A 104 12.17 -8.61 -5.48
C VAL A 104 12.70 -7.46 -4.63
N MET A 105 11.79 -6.62 -4.10
CA MET A 105 12.23 -5.57 -3.15
C MET A 105 13.06 -6.18 -2.02
N LYS A 106 12.58 -7.30 -1.45
CA LYS A 106 13.33 -7.98 -0.38
C LYS A 106 14.74 -8.33 -0.84
N LEU A 107 14.86 -8.94 -2.03
CA LEU A 107 16.18 -9.37 -2.49
C LEU A 107 17.10 -8.19 -2.79
N LEU A 108 16.55 -7.03 -3.15
CA LEU A 108 17.35 -5.82 -3.35
C LEU A 108 17.81 -5.17 -2.06
N GLY A 109 17.23 -5.54 -0.91
CA GLY A 109 17.67 -5.04 0.38
C GLY A 109 16.65 -4.21 1.13
N VAL A 110 15.41 -4.15 0.67
CA VAL A 110 14.39 -3.32 1.32
C VAL A 110 14.09 -3.88 2.72
N ARG A 111 14.10 -2.99 3.72
CA ARG A 111 13.76 -3.34 5.10
C ARG A 111 12.47 -2.69 5.60
N VAL A 112 12.03 -1.59 4.97
CA VAL A 112 10.83 -0.84 5.37
C VAL A 112 10.00 -0.54 4.11
N LEU A 113 8.70 -0.82 4.16
CA LEU A 113 7.76 -0.50 3.08
C LEU A 113 6.69 0.49 3.57
N LEU A 114 6.57 1.63 2.86
CA LEU A 114 5.60 2.69 3.16
C LEU A 114 4.50 2.67 2.10
N ILE A 115 3.22 2.67 2.53
CA ILE A 115 2.07 2.52 1.63
C ILE A 115 1.01 3.56 1.96
N THR A 116 0.43 4.17 0.91
CA THR A 116 -0.80 4.98 1.05
C THR A 116 -1.92 4.41 0.17
N ASN A 117 -3.17 4.66 0.59
CA ASN A 117 -4.34 4.25 -0.17
C ASN A 117 -5.49 5.23 0.05
N LEU A 118 -6.52 5.12 -0.80
CA LEU A 118 -7.80 5.80 -0.62
C LEU A 118 -8.81 4.81 -0.03
N ALA A 119 -9.57 5.27 0.96
CA ALA A 119 -10.51 4.39 1.67
C ALA A 119 -11.79 5.13 2.05
N GLY A 120 -12.83 4.35 2.40
CA GLY A 120 -14.05 4.90 2.97
C GLY A 120 -14.07 4.83 4.49
N GLY A 121 -14.59 5.88 5.12
CA GLY A 121 -14.68 5.91 6.58
C GLY A 121 -15.92 5.19 7.09
N ILE A 122 -15.72 4.39 8.14
CA ILE A 122 -16.77 3.67 8.86
C ILE A 122 -16.99 4.27 10.26
N ASN A 123 -15.90 4.48 11.01
CA ASN A 123 -15.99 5.12 12.31
C ASN A 123 -16.65 6.49 12.18
N ARG A 124 -17.56 6.81 13.10
CA ARG A 124 -18.30 8.07 13.02
C ARG A 124 -17.42 9.30 13.18
N LYS A 125 -16.24 9.17 13.78
CA LYS A 125 -15.35 10.31 13.97
C LYS A 125 -14.63 10.74 12.70
N LEU A 126 -14.71 9.98 11.61
CA LEU A 126 -13.89 10.23 10.43
C LEU A 126 -14.62 11.13 9.43
N LYS A 127 -13.93 12.16 8.95
CA LYS A 127 -14.40 13.14 7.98
C LYS A 127 -13.64 12.91 6.66
N SER A 128 -14.26 13.27 5.54
CA SER A 128 -13.53 13.33 4.28
C SER A 128 -12.29 14.22 4.44
N GLY A 129 -11.15 13.73 3.93
CA GLY A 129 -9.88 14.43 4.04
C GLY A 129 -9.02 14.06 5.24
N ASP A 130 -9.53 13.26 6.17
CA ASP A 130 -8.75 12.79 7.31
C ASP A 130 -7.79 11.67 6.89
N PHE A 131 -6.81 11.42 7.75
CA PHE A 131 -5.86 10.32 7.60
C PHE A 131 -6.01 9.30 8.73
N VAL A 132 -5.82 8.02 8.37
CA VAL A 132 -5.85 6.92 9.33
C VAL A 132 -4.55 6.12 9.25
N LEU A 133 -3.79 6.10 10.37
CA LEU A 133 -2.67 5.17 10.52
C LEU A 133 -3.24 3.78 10.80
N ILE A 134 -2.98 2.81 9.91
CA ILE A 134 -3.57 1.48 10.06
C ILE A 134 -2.81 0.68 11.12
N LYS A 135 -3.54 0.16 12.12
CA LYS A 135 -2.94 -0.60 13.21
C LYS A 135 -3.26 -2.10 13.18
N GLY A 136 -4.17 -2.54 12.29
CA GLY A 136 -4.57 -3.92 12.14
C GLY A 136 -5.56 -4.01 11.00
N HIS A 137 -5.99 -5.24 10.67
CA HIS A 137 -6.90 -5.42 9.54
C HIS A 137 -7.89 -6.58 9.74
N ILE A 138 -8.96 -6.54 8.93
CA ILE A 138 -9.90 -7.67 8.77
C ILE A 138 -9.89 -8.05 7.29
N ASN A 139 -9.36 -9.23 7.00
CA ASN A 139 -9.05 -9.68 5.62
C ASN A 139 -10.16 -10.62 5.13
N PHE A 140 -11.26 -10.08 4.61
CA PHE A 140 -12.34 -10.95 4.15
C PHE A 140 -11.86 -11.93 3.08
N PRO A 141 -11.10 -11.54 2.05
CA PRO A 141 -10.56 -12.56 1.12
C PRO A 141 -9.79 -13.68 1.82
N GLY A 142 -8.95 -13.36 2.79
CA GLY A 142 -8.18 -14.40 3.49
C GLY A 142 -9.06 -15.37 4.26
N LEU A 143 -10.04 -14.87 5.01
CA LEU A 143 -10.95 -15.78 5.70
C LEU A 143 -11.65 -16.69 4.70
N GLY A 144 -11.92 -16.17 3.49
CA GLY A 144 -12.71 -16.88 2.48
C GLY A 144 -11.95 -17.68 1.43
N LEU A 145 -10.71 -18.08 1.69
CA LEU A 145 -9.87 -18.95 0.83
C LEU A 145 -9.26 -18.23 -0.37
N ASN A 146 -9.22 -16.88 -0.34
CA ASN A 146 -8.53 -16.08 -1.36
C ASN A 146 -7.34 -15.27 -0.77
N ASN A 147 -6.72 -15.76 0.32
CA ASN A 147 -5.51 -15.14 0.86
C ASN A 147 -4.41 -15.11 -0.23
N VAL A 148 -3.60 -14.04 -0.22
CA VAL A 148 -2.47 -13.89 -1.15
C VAL A 148 -1.44 -15.02 -1.04
N LEU A 149 -1.41 -15.73 0.10
CA LEU A 149 -0.47 -16.83 0.32
C LEU A 149 -1.02 -18.23 -0.02
N VAL A 150 -2.28 -18.35 -0.50
CA VAL A 150 -2.79 -19.66 -0.92
C VAL A 150 -1.96 -20.19 -2.09
N GLY A 151 -1.48 -21.43 -1.95
CA GLY A 151 -0.55 -22.04 -2.88
C GLY A 151 0.61 -22.67 -2.13
N PRO A 152 1.54 -23.28 -2.85
CA PRO A 152 2.76 -23.78 -2.21
C PRO A 152 3.46 -22.65 -1.47
N ASN A 153 4.07 -22.97 -0.33
CA ASN A 153 4.91 -21.96 0.33
C ASN A 153 6.26 -21.87 -0.36
N GLN A 154 6.77 -20.64 -0.48
CA GLN A 154 8.13 -20.38 -0.97
C GLN A 154 9.04 -20.20 0.26
N ASP A 155 9.65 -21.32 0.68
CA ASP A 155 10.35 -21.41 1.97
C ASP A 155 11.50 -20.40 2.12
N GLU A 156 12.18 -20.04 1.02
CA GLU A 156 13.27 -19.07 1.12
C GLU A 156 12.82 -17.71 1.62
N PHE A 157 11.54 -17.36 1.42
CA PHE A 157 11.03 -16.06 1.82
C PHE A 157 10.46 -16.03 3.24
N GLY A 158 9.87 -17.12 3.72
CA GLY A 158 9.17 -17.10 4.99
C GLY A 158 8.46 -18.41 5.30
N PRO A 159 7.76 -18.45 6.44
CA PRO A 159 7.19 -19.71 6.96
C PRO A 159 5.83 -20.05 6.33
N ARG A 160 5.46 -21.33 6.46
CA ARG A 160 4.16 -21.79 5.93
C ARG A 160 2.98 -21.06 6.58
N PHE A 161 3.04 -20.82 7.90
CA PHE A 161 1.95 -20.22 8.68
C PHE A 161 2.43 -18.94 9.37
N PRO A 162 2.39 -17.79 8.70
CA PRO A 162 2.86 -16.54 9.33
C PRO A 162 1.89 -15.97 10.36
N ASP A 163 2.47 -15.26 11.32
CA ASP A 163 1.78 -14.49 12.35
C ASP A 163 1.76 -13.02 11.92
N LEU A 164 0.57 -12.41 11.91
CA LEU A 164 0.41 -11.02 11.47
C LEU A 164 0.26 -10.04 12.64
N SER A 165 0.47 -10.48 13.88
CA SER A 165 0.21 -9.61 15.03
C SER A 165 1.09 -8.36 15.04
N ASN A 166 2.27 -8.38 14.42
CA ASN A 166 3.15 -7.21 14.35
C ASN A 166 3.35 -6.73 12.92
N ALA A 167 2.38 -6.99 12.05
CA ALA A 167 2.49 -6.58 10.64
C ALA A 167 2.63 -5.08 10.47
N TYR A 168 2.00 -4.26 11.33
CA TYR A 168 2.02 -2.79 11.26
C TYR A 168 2.90 -2.27 12.40
N ASP A 169 4.14 -1.90 12.07
CA ASP A 169 5.13 -1.53 13.09
C ASP A 169 4.67 -0.34 13.94
N ARG A 170 4.76 -0.50 15.27
CA ARG A 170 4.27 0.52 16.20
C ARG A 170 5.15 1.78 16.18
N LEU A 171 6.48 1.62 16.15
CA LEU A 171 7.36 2.78 16.15
C LEU A 171 7.19 3.63 14.89
N LEU A 172 6.87 3.01 13.75
CA LEU A 172 6.65 3.80 12.53
C LEU A 172 5.37 4.62 12.65
N GLN A 173 4.30 4.05 13.21
CA GLN A 173 3.09 4.82 13.50
C GLN A 173 3.40 6.00 14.41
N GLN A 174 4.21 5.79 15.45
CA GLN A 174 4.53 6.88 16.39
C GLN A 174 5.31 8.01 15.72
N LEU A 175 6.24 7.68 14.81
CA LEU A 175 6.98 8.70 14.08
C LEU A 175 6.07 9.50 13.16
N ALA A 176 5.15 8.82 12.46
CA ALA A 176 4.23 9.52 11.58
C ALA A 176 3.40 10.55 12.37
N LEU A 177 2.94 10.14 13.55
CA LEU A 177 2.17 11.04 14.40
C LEU A 177 3.03 12.20 14.92
N LYS A 178 4.28 11.91 15.30
CA LYS A 178 5.17 12.96 15.81
C LYS A 178 5.34 14.07 14.77
N ILE A 179 5.53 13.69 13.51
CA ILE A 179 5.69 14.68 12.44
C ILE A 179 4.41 15.49 12.25
N ALA A 180 3.25 14.83 12.33
CA ALA A 180 1.98 15.57 12.25
C ALA A 180 1.86 16.62 13.34
N GLN A 181 2.24 16.26 14.57
CA GLN A 181 2.21 17.21 15.67
C GLN A 181 3.16 18.38 15.45
N GLU A 182 4.36 18.11 14.93
CA GLU A 182 5.35 19.15 14.70
C GLU A 182 4.86 20.17 13.69
N ASN A 183 3.93 19.78 12.80
CA ASN A 183 3.45 20.65 11.73
C ASN A 183 1.97 20.99 11.87
N ASP A 184 1.41 20.83 13.06
CA ASP A 184 0.09 21.34 13.39
C ASP A 184 -1.01 20.77 12.50
N PHE A 185 -0.90 19.47 12.14
CA PHE A 185 -2.02 18.78 11.48
C PHE A 185 -2.44 17.49 12.19
N GLN A 186 -2.06 17.32 13.47
CA GLN A 186 -2.43 16.11 14.19
C GLN A 186 -3.94 15.96 14.34
N ASP A 187 -4.70 17.06 14.28
CA ASP A 187 -6.16 17.01 14.33
C ASP A 187 -6.77 16.22 13.18
N LEU A 188 -6.02 16.02 12.10
CA LEU A 188 -6.47 15.22 10.97
C LEU A 188 -6.10 13.74 11.06
N VAL A 189 -5.27 13.33 12.02
CA VAL A 189 -4.66 12.00 12.03
C VAL A 189 -5.31 11.15 13.12
N HIS A 190 -5.80 9.97 12.73
CA HIS A 190 -6.42 8.98 13.60
C HIS A 190 -5.68 7.64 13.46
N GLU A 191 -6.04 6.67 14.30
CA GLU A 191 -5.60 5.29 14.10
C GLU A 191 -6.81 4.38 13.94
N GLY A 192 -6.64 3.25 13.28
CA GLY A 192 -7.79 2.37 13.16
C GLY A 192 -7.54 1.08 12.39
N VAL A 193 -8.60 0.25 12.36
CA VAL A 193 -8.61 -1.09 11.75
C VAL A 193 -9.17 -1.01 10.33
N TYR A 194 -8.42 -1.59 9.36
CA TYR A 194 -8.74 -1.54 7.92
C TYR A 194 -9.43 -2.85 7.47
N ALA A 195 -10.65 -2.74 6.92
CA ALA A 195 -11.34 -3.88 6.31
C ALA A 195 -11.00 -3.94 4.82
N PHE A 196 -10.56 -5.12 4.38
CA PHE A 196 -10.26 -5.40 2.96
C PHE A 196 -11.53 -5.94 2.27
N ASN A 197 -12.14 -5.09 1.42
CA ASN A 197 -13.21 -5.45 0.47
C ASN A 197 -12.55 -5.74 -0.86
N GLY A 198 -12.65 -7.00 -1.32
CA GLY A 198 -11.99 -7.35 -2.58
C GLY A 198 -12.31 -6.42 -3.74
N GLY A 199 -13.56 -5.94 -3.82
CA GLY A 199 -13.96 -5.01 -4.87
C GLY A 199 -14.29 -5.66 -6.21
N PRO A 200 -14.53 -4.86 -7.27
CA PRO A 200 -14.32 -3.40 -7.42
C PRO A 200 -15.53 -2.52 -7.11
N THR A 201 -16.69 -3.10 -6.75
CA THR A 201 -17.80 -2.27 -6.29
C THR A 201 -17.49 -1.65 -4.93
N TYR A 202 -17.82 -0.36 -4.75
CA TYR A 202 -17.78 0.21 -3.40
C TYR A 202 -18.67 -0.63 -2.47
N GLU A 203 -18.32 -0.63 -1.18
CA GLU A 203 -19.16 -1.27 -0.16
C GLU A 203 -20.59 -0.75 -0.24
N SER A 204 -21.57 -1.66 -0.20
CA SER A 204 -22.98 -1.25 -0.21
C SER A 204 -23.36 -0.61 1.13
N PRO A 205 -24.46 0.15 1.16
CA PRO A 205 -24.87 0.77 2.44
C PRO A 205 -25.01 -0.24 3.58
N ASP A 206 -25.57 -1.41 3.28
CA ASP A 206 -25.76 -2.43 4.31
C ASP A 206 -24.46 -3.15 4.67
N GLU A 207 -23.53 -3.28 3.73
CA GLU A 207 -22.19 -3.76 4.07
C GLU A 207 -21.47 -2.77 5.00
N SER A 208 -21.62 -1.46 4.74
CA SER A 208 -21.02 -0.46 5.62
C SER A 208 -21.57 -0.59 7.04
N ASN A 209 -22.88 -0.75 7.19
CA ASN A 209 -23.48 -0.94 8.53
C ASN A 209 -22.95 -2.20 9.21
N MET A 210 -22.75 -3.27 8.46
CA MET A 210 -22.17 -4.50 9.02
C MET A 210 -20.76 -4.25 9.54
N LEU A 211 -19.93 -3.55 8.75
CA LEU A 211 -18.54 -3.27 9.13
C LEU A 211 -18.47 -2.43 10.40
N LEU A 212 -19.42 -1.52 10.60
CA LEU A 212 -19.49 -0.77 11.86
C LEU A 212 -19.69 -1.72 13.03
N LYS A 213 -20.66 -2.65 12.89
CA LYS A 213 -20.90 -3.62 13.97
C LYS A 213 -19.66 -4.45 14.29
N LEU A 214 -18.82 -4.74 13.30
CA LEU A 214 -17.69 -5.67 13.46
C LEU A 214 -16.39 -5.01 13.90
N GLY A 215 -16.42 -3.73 14.22
CA GLY A 215 -15.25 -3.05 14.72
C GLY A 215 -14.28 -2.50 13.69
N CYS A 216 -14.73 -2.30 12.46
CA CYS A 216 -13.88 -1.71 11.43
C CYS A 216 -13.96 -0.20 11.48
N ASP A 217 -12.82 0.46 11.24
CA ASP A 217 -12.77 1.91 11.17
C ASP A 217 -12.78 2.45 9.74
N VAL A 218 -12.16 1.73 8.80
CA VAL A 218 -12.06 2.14 7.40
C VAL A 218 -12.19 0.90 6.55
N VAL A 219 -12.52 1.10 5.27
CA VAL A 219 -12.64 0.02 4.29
C VAL A 219 -12.04 0.42 2.95
N GLY A 220 -11.31 -0.51 2.32
CA GLY A 220 -10.72 -0.29 1.01
C GLY A 220 -10.42 -1.58 0.26
N MET A 221 -9.90 -1.42 -0.96
CA MET A 221 -9.75 -2.52 -1.93
C MET A 221 -8.29 -2.88 -2.23
N SER A 222 -7.34 -2.49 -1.38
CA SER A 222 -5.92 -2.71 -1.64
C SER A 222 -5.18 -2.99 -0.33
N THR A 223 -3.83 -2.93 -0.39
CA THR A 223 -2.92 -2.81 0.75
C THR A 223 -2.69 -4.13 1.49
N VAL A 224 -3.75 -4.82 1.93
CA VAL A 224 -3.60 -6.05 2.73
C VAL A 224 -2.78 -7.13 2.00
N PRO A 225 -2.95 -7.36 0.70
CA PRO A 225 -2.09 -8.38 0.04
C PRO A 225 -0.60 -8.07 0.15
N GLU A 226 -0.22 -6.83 -0.13
CA GLU A 226 1.19 -6.41 -0.03
C GLU A 226 1.72 -6.49 1.41
N VAL A 227 0.91 -6.05 2.38
CA VAL A 227 1.28 -6.14 3.80
C VAL A 227 1.62 -7.59 4.17
N ILE A 228 0.79 -8.55 3.74
CA ILE A 228 0.98 -9.96 4.08
C ILE A 228 2.27 -10.49 3.45
N ILE A 229 2.53 -10.17 2.17
CA ILE A 229 3.77 -10.63 1.53
C ILE A 229 4.99 -10.01 2.23
N ALA A 230 4.91 -8.73 2.58
CA ALA A 230 6.01 -8.07 3.29
C ALA A 230 6.25 -8.71 4.67
N CYS A 231 5.19 -8.89 5.45
CA CYS A 231 5.32 -9.49 6.78
C CYS A 231 5.93 -10.90 6.69
N HIS A 232 5.46 -11.72 5.73
CA HIS A 232 5.96 -13.08 5.53
C HIS A 232 7.48 -13.10 5.39
N CYS A 233 8.07 -12.11 4.68
CA CYS A 233 9.51 -12.06 4.45
C CYS A 233 10.28 -11.06 5.34
N GLY A 234 9.67 -10.55 6.40
CA GLY A 234 10.41 -9.75 7.38
C GLY A 234 10.61 -8.27 7.05
N ILE A 235 9.79 -7.71 6.19
CA ILE A 235 9.82 -6.26 5.88
C ILE A 235 8.82 -5.54 6.77
N LYS A 236 9.26 -4.47 7.45
CA LYS A 236 8.39 -3.64 8.31
C LYS A 236 7.50 -2.75 7.44
N VAL A 237 6.26 -2.48 7.92
CA VAL A 237 5.28 -1.72 7.12
C VAL A 237 4.71 -0.56 7.91
N LEU A 238 4.54 0.61 7.23
CA LEU A 238 3.64 1.70 7.65
C LEU A 238 2.62 1.87 6.52
N ALA A 239 1.32 1.86 6.86
CA ALA A 239 0.24 2.02 5.87
C ALA A 239 -0.71 3.10 6.36
N VAL A 240 -1.03 4.07 5.48
CA VAL A 240 -1.88 5.22 5.79
C VAL A 240 -3.03 5.31 4.78
N SER A 241 -4.27 5.40 5.28
CA SER A 241 -5.46 5.62 4.46
C SER A 241 -5.84 7.11 4.44
N LEU A 242 -6.10 7.65 3.25
CA LEU A 242 -6.80 8.93 3.08
C LEU A 242 -8.30 8.68 2.94
N ILE A 243 -9.10 9.33 3.79
CA ILE A 243 -10.54 9.10 3.84
C ILE A 243 -11.22 9.93 2.76
N ALA A 244 -11.89 9.26 1.82
CA ALA A 244 -12.60 9.97 0.76
C ALA A 244 -13.98 10.43 1.21
N ASN A 245 -14.61 9.74 2.15
CA ASN A 245 -16.02 9.96 2.50
C ASN A 245 -16.31 9.15 3.75
N ASN A 246 -17.42 9.47 4.42
CA ASN A 246 -17.92 8.61 5.50
C ASN A 246 -19.11 7.80 5.00
N SER A 247 -18.89 6.49 4.82
CA SER A 247 -19.90 5.63 4.24
C SER A 247 -21.09 5.42 5.16
N ILE A 248 -20.91 5.53 6.49
CA ILE A 248 -22.03 5.38 7.40
C ILE A 248 -22.96 6.59 7.31
N LEU A 249 -22.38 7.81 7.32
CA LEU A 249 -23.22 9.00 7.13
C LEU A 249 -23.90 9.00 5.76
N ASP A 250 -23.17 8.60 4.71
CA ASP A 250 -23.77 8.53 3.38
C ASP A 250 -24.93 7.55 3.33
N ALA A 251 -24.82 6.41 4.03
CA ALA A 251 -25.92 5.43 4.07
C ALA A 251 -27.14 6.02 4.78
N GLU A 252 -26.92 6.75 5.88
CA GLU A 252 -28.04 7.31 6.63
C GLU A 252 -28.72 8.45 5.90
N ASN A 253 -27.98 9.15 5.04
CA ASN A 253 -28.50 10.28 4.28
C ASN A 253 -28.87 9.95 2.82
N ASP A 254 -28.63 8.73 2.33
CA ASP A 254 -28.93 8.36 0.93
C ASP A 254 -28.08 9.15 -0.08
N VAL A 255 -26.78 9.25 0.20
CA VAL A 255 -25.83 10.01 -0.62
C VAL A 255 -24.87 9.05 -1.32
N SER A 256 -24.53 9.36 -2.57
CA SER A 256 -23.76 8.49 -3.45
C SER A 256 -22.27 8.81 -3.38
N ILE A 257 -21.47 7.89 -3.91
CA ILE A 257 -20.03 8.04 -3.99
C ILE A 257 -19.63 7.64 -5.42
N ASN A 258 -18.54 8.21 -5.90
CA ASN A 258 -18.04 7.88 -7.23
C ASN A 258 -16.54 8.13 -7.25
N HIS A 259 -15.89 7.58 -8.27
CA HIS A 259 -14.44 7.72 -8.38
C HIS A 259 -14.02 9.17 -8.58
N GLU A 260 -14.87 9.98 -9.20
CA GLU A 260 -14.54 11.39 -9.38
C GLU A 260 -14.47 12.12 -8.05
N LYS A 261 -15.44 11.90 -7.16
CA LYS A 261 -15.37 12.50 -5.82
C LYS A 261 -14.12 12.04 -5.08
N VAL A 262 -13.80 10.74 -5.19
CA VAL A 262 -12.59 10.22 -4.53
C VAL A 262 -11.35 10.95 -5.04
N LEU A 263 -11.23 11.10 -6.37
CA LEU A 263 -10.04 11.75 -6.92
C LEU A 263 -9.94 13.23 -6.54
N ALA A 264 -11.07 13.91 -6.33
CA ALA A 264 -11.02 15.31 -5.87
C ALA A 264 -10.51 15.43 -4.44
N VAL A 265 -10.83 14.47 -3.57
CA VAL A 265 -10.24 14.48 -2.23
C VAL A 265 -8.74 14.22 -2.31
N ALA A 266 -8.31 13.27 -3.17
CA ALA A 266 -6.88 13.05 -3.36
C ALA A 266 -6.16 14.34 -3.77
N GLU A 267 -6.75 15.10 -4.69
CA GLU A 267 -6.12 16.38 -5.09
C GLU A 267 -6.04 17.35 -3.92
N LYS A 268 -7.06 17.37 -3.07
CA LYS A 268 -7.13 18.33 -1.98
C LYS A 268 -6.06 18.05 -0.92
N ARG A 269 -5.61 16.79 -0.77
CA ARG A 269 -4.62 16.42 0.25
C ARG A 269 -3.26 16.02 -0.32
N ALA A 270 -3.06 16.11 -1.65
CA ALA A 270 -1.87 15.55 -2.28
C ALA A 270 -0.58 16.23 -1.78
N ASP A 271 -0.58 17.55 -1.69
CA ASP A 271 0.63 18.26 -1.29
C ASP A 271 1.00 17.91 0.16
N LEU A 272 0.02 17.93 1.07
CA LEU A 272 0.28 17.61 2.48
C LEU A 272 0.85 16.19 2.62
N LEU A 273 0.27 15.23 1.92
CA LEU A 273 0.72 13.85 2.05
C LEU A 273 2.12 13.66 1.48
N GLN A 274 2.43 14.33 0.36
CA GLN A 274 3.77 14.24 -0.22
C GLN A 274 4.81 14.78 0.73
N MET A 275 4.51 15.91 1.38
CA MET A 275 5.47 16.52 2.30
C MET A 275 5.63 15.66 3.55
N TRP A 276 4.54 15.07 4.04
CA TRP A 276 4.59 14.18 5.21
C TRP A 276 5.47 12.96 4.94
N PHE A 277 5.26 12.31 3.80
CA PHE A 277 6.03 11.10 3.54
C PHE A 277 7.50 11.40 3.26
N LYS A 278 7.81 12.55 2.68
CA LYS A 278 9.21 12.92 2.50
C LYS A 278 9.90 13.04 3.85
N GLU A 279 9.23 13.65 4.84
CA GLU A 279 9.81 13.78 6.17
C GLU A 279 9.90 12.43 6.89
N ILE A 280 8.89 11.55 6.73
CA ILE A 280 8.99 10.20 7.30
C ILE A 280 10.22 9.49 6.74
N ILE A 281 10.39 9.50 5.42
CA ILE A 281 11.55 8.86 4.80
C ILE A 281 12.85 9.39 5.39
N THR A 282 12.96 10.72 5.49
CA THR A 282 14.20 11.33 5.96
C THR A 282 14.56 10.84 7.36
N ARG A 283 13.55 10.65 8.21
CA ARG A 283 13.80 10.41 9.62
C ARG A 283 13.70 8.96 10.06
N LEU A 284 13.40 8.04 9.15
CA LEU A 284 13.35 6.63 9.51
C LEU A 284 14.65 6.20 10.19
N PRO A 285 14.58 5.41 11.27
CA PRO A 285 15.78 4.95 11.99
C PRO A 285 16.88 4.43 11.06
S DMS B . 2.42 -16.98 -2.51
O DMS B . 3.72 -17.67 -2.85
C1 DMS B . 2.30 -15.59 -3.64
C2 DMS B . 1.05 -17.96 -3.17
H11 DMS B . 1.36 -15.12 -3.51
H12 DMS B . 2.38 -15.94 -4.63
H13 DMS B . 3.08 -14.90 -3.44
H21 DMS B . 0.15 -17.44 -3.01
H22 DMS B . 1.20 -18.11 -4.20
H23 DMS B . 1.02 -18.88 -2.67
S DMS C . 5.85 -13.66 10.14
O DMS C . 5.36 -14.95 10.77
C1 DMS C . 6.30 -12.52 11.47
C2 DMS C . 7.47 -13.96 9.40
H11 DMS C . 5.45 -12.26 12.02
H12 DMS C . 6.74 -11.64 11.06
H13 DMS C . 7.01 -12.99 12.11
H21 DMS C . 7.38 -14.65 8.60
H22 DMS C . 8.13 -14.36 10.13
H23 DMS C . 7.88 -13.05 9.03
S DMS D . -10.89 3.88 -5.71
O DMS D . -11.94 4.92 -5.45
C1 DMS D . -9.60 4.02 -4.47
C2 DMS D . -11.50 2.25 -5.17
H11 DMS D . -10.02 3.97 -3.50
H12 DMS D . -8.89 3.25 -4.59
H13 DMS D . -9.11 4.96 -4.57
H21 DMS D . -12.32 1.96 -5.77
H22 DMS D . -10.72 1.54 -5.28
H23 DMS D . -11.80 2.31 -4.16
C9 CQV E . 3.70 -4.06 -20.01
C8 CQV E . 4.66 -3.39 -23.68
C7 CQV E . 4.21 -3.42 -21.32
C4 CQV E . 5.16 -2.17 -23.63
C5 CQV E . 5.23 -1.45 -22.32
C6 CQV E . 4.79 -2.02 -21.25
C3 CQV E . 5.72 -1.47 -24.87
C2 CQV E . 7.18 -1.10 -24.65
C1 CQV E . 8.09 -1.95 -25.50
O CQV E . 4.06 -3.56 -18.91
O1 CQV E . 2.96 -5.09 -20.06
N CQV E . 4.16 -4.03 -22.44
C CQV E . 8.45 -1.16 -26.75
H11 CQV E . 4.62 -3.85 -24.49
H9 CQV E . 5.59 -0.59 -22.28
H10 CQV E . 4.83 -1.57 -20.44
H7 CQV E . 5.65 -2.06 -25.63
H8 CQV E . 5.20 -0.67 -25.05
H6 CQV E . 7.31 -0.16 -24.87
H5 CQV E . 7.40 -1.23 -23.71
H4 CQV E . 7.63 -2.77 -25.75
H3 CQV E . 8.90 -2.16 -25.01
H2 CQV E . 7.65 -0.98 -27.27
H1 CQV E . 9.07 -1.66 -27.29
H CQV E . 8.86 -0.31 -26.50
#